data_2PNN
#
_entry.id   2PNN
#
_cell.length_a   99.469
_cell.length_b   99.469
_cell.length_c   106.729
_cell.angle_alpha   90.00
_cell.angle_beta   90.00
_cell.angle_gamma   120.00
#
_symmetry.space_group_name_H-M   'H 3'
#
loop_
_entity.id
_entity.type
_entity.pdbx_description
1 polymer 'Transient receptor potential cation channel subfamily V member 1'
2 non-polymer "ADENOSINE-5'-TRIPHOSPHATE"
3 water water
#
_entity_poly.entity_id   1
_entity_poly.type   'polypeptide(L)'
_entity_poly.pdbx_seq_one_letter_code
;SVSAGEKPPRLYDRRSIFDAVAQSNCQELESLLPFLQRSKKRLTDSEFKDPETGKTCLLKA(MSE)LNLHNGQNDTIALL
LDVARKTDSLKQFVNASYTDSYYKGQTALHIAIERRN(MSE)TLVTLLVENGADVQAAANGDFFKKTKGRPGFYFGELPL
SLAACTNQLAIVKFLLQNSWQPADISARDSVGNTVLHALVEVADNTVDNTKFVTS(MSE)YNEILILGAKLHPTLKLEEI
TNRKGLTPLALAASSGKIGVLAYILQREIHEPECRHAAAHHHHHH
;
_entity_poly.pdbx_strand_id   A
#
loop_
_chem_comp.id
_chem_comp.type
_chem_comp.name
_chem_comp.formula
ATP non-polymer ADENOSINE-5'-TRIPHOSPHATE 'C10 H16 N5 O13 P3'
#
# COMPACT_ATOMS: atom_id res chain seq x y z
N LEU A 11 -4.03 -12.41 31.52
CA LEU A 11 -3.63 -10.98 31.22
C LEU A 11 -2.60 -10.83 30.09
N TYR A 12 -2.64 -9.68 29.41
CA TYR A 12 -1.78 -9.36 28.25
C TYR A 12 -1.31 -7.90 28.28
N ASP A 13 0.01 -7.67 28.21
CA ASP A 13 0.54 -6.34 27.90
C ASP A 13 0.98 -6.28 26.44
N ARG A 14 1.38 -5.10 25.98
CA ARG A 14 1.83 -4.97 24.60
C ARG A 14 2.94 -5.99 24.29
N ARG A 15 3.92 -6.09 25.19
CA ARG A 15 5.10 -6.95 25.03
C ARG A 15 4.75 -8.43 24.84
N SER A 16 3.81 -8.90 25.65
CA SER A 16 3.34 -10.29 25.63
C SER A 16 2.88 -10.74 24.25
N ILE A 17 2.04 -9.93 23.61
CA ILE A 17 1.48 -10.25 22.30
C ILE A 17 2.52 -10.15 21.21
N PHE A 18 3.34 -9.10 21.27
CA PHE A 18 4.33 -8.82 20.24
C PHE A 18 5.33 -9.96 20.13
N ASP A 19 5.65 -10.57 21.27
CA ASP A 19 6.49 -11.76 21.32
C ASP A 19 5.81 -12.98 20.73
N ALA A 20 4.53 -13.15 21.06
CA ALA A 20 3.73 -14.25 20.55
C ALA A 20 3.72 -14.20 19.03
N VAL A 21 3.46 -13.01 18.49
CA VAL A 21 3.40 -12.72 17.06
C VAL A 21 4.73 -13.05 16.36
N ALA A 22 5.82 -12.67 17.02
CA ALA A 22 7.17 -12.85 16.50
C ALA A 22 7.45 -14.29 16.08
N GLN A 23 6.85 -15.23 16.80
CA GLN A 23 7.10 -16.64 16.51
C GLN A 23 5.91 -17.42 15.95
N SER A 24 4.92 -16.67 15.46
CA SER A 24 3.70 -17.23 14.86
C SER A 24 2.95 -18.22 15.74
N ASN A 25 2.81 -17.83 17.01
CA ASN A 25 2.17 -18.64 18.04
C ASN A 25 0.69 -18.32 18.21
N CYS A 26 -0.17 -19.22 17.73
CA CYS A 26 -1.62 -19.01 17.84
C CYS A 26 -2.22 -19.54 19.14
N GLN A 27 -1.37 -20.14 19.97
CA GLN A 27 -1.80 -20.64 21.26
C GLN A 27 -1.73 -19.60 22.36
N GLU A 28 -0.58 -18.94 22.54
CA GLU A 28 -0.46 -17.94 23.61
C GLU A 28 -1.53 -16.86 23.48
N LEU A 29 -2.24 -16.88 22.36
CA LEU A 29 -3.34 -15.96 22.08
C LEU A 29 -4.70 -16.68 22.15
N GLU A 30 -4.71 -17.88 22.73
CA GLU A 30 -5.95 -18.55 23.08
C GLU A 30 -6.77 -17.72 24.06
N SER A 31 -6.11 -17.25 25.12
CA SER A 31 -6.78 -16.52 26.18
C SER A 31 -6.90 -15.02 25.84
N LEU A 32 -6.65 -14.67 24.58
CA LEU A 32 -6.61 -13.25 24.18
C LEU A 32 -7.98 -12.60 24.14
N LEU A 33 -8.82 -13.05 23.21
CA LEU A 33 -10.17 -12.53 23.08
C LEU A 33 -10.86 -12.33 24.45
N PRO A 34 -10.92 -13.40 25.27
CA PRO A 34 -11.63 -13.24 26.54
C PRO A 34 -11.01 -12.20 27.51
N PHE A 35 -9.74 -11.85 27.33
CA PHE A 35 -9.09 -10.86 28.22
C PHE A 35 -9.66 -9.44 28.07
N LEU A 36 -9.70 -8.94 26.84
CA LEU A 36 -10.21 -7.58 26.60
C LEU A 36 -11.72 -7.59 26.45
N GLN A 37 -12.34 -8.68 26.89
CA GLN A 37 -13.77 -8.77 27.03
C GLN A 37 -14.07 -8.38 28.47
N ARG A 38 -13.21 -8.84 29.38
CA ARG A 38 -13.33 -8.56 30.82
C ARG A 38 -12.97 -7.10 31.06
N SER A 39 -11.76 -6.72 30.66
CA SER A 39 -11.24 -5.38 30.82
C SER A 39 -11.82 -4.43 29.79
N LYS A 40 -12.57 -4.99 28.83
CA LYS A 40 -13.13 -4.25 27.70
C LYS A 40 -12.07 -3.39 27.02
N LYS A 41 -10.81 -3.81 27.13
CA LYS A 41 -9.71 -3.15 26.44
C LYS A 41 -9.81 -3.42 24.93
N ARG A 42 -9.24 -2.55 24.11
CA ARG A 42 -9.30 -2.74 22.66
C ARG A 42 -7.93 -2.97 22.07
N LEU A 43 -7.88 -3.86 21.10
CA LEU A 43 -6.62 -4.21 20.44
C LEU A 43 -5.98 -2.95 19.84
N THR A 44 -6.77 -1.88 19.82
CA THR A 44 -6.41 -0.60 19.18
C THR A 44 -6.07 0.49 20.20
N ASP A 45 -6.19 0.18 21.49
CA ASP A 45 -5.89 1.15 22.54
C ASP A 45 -4.49 1.73 22.38
N SER A 46 -4.34 2.97 22.81
CA SER A 46 -3.04 3.64 22.91
C SER A 46 -1.93 2.67 23.38
N GLU A 47 -2.27 1.88 24.42
CA GLU A 47 -1.33 1.01 25.13
C GLU A 47 -0.86 -0.21 24.32
N PHE A 48 -1.58 -0.51 23.24
CA PHE A 48 -1.27 -1.68 22.43
C PHE A 48 -0.54 -1.32 21.15
N LYS A 49 -0.02 -0.10 21.11
CA LYS A 49 0.78 0.39 20.00
C LYS A 49 2.13 0.90 20.53
N ASP A 50 3.18 0.80 19.73
CA ASP A 50 4.45 1.43 20.08
C ASP A 50 4.24 2.95 20.09
N PRO A 51 4.47 3.59 21.27
CA PRO A 51 4.20 5.01 21.48
C PRO A 51 4.95 6.01 20.59
N GLU A 52 5.80 5.55 19.67
CA GLU A 52 6.57 6.49 18.86
C GLU A 52 6.47 6.21 17.39
N THR A 53 5.98 5.03 17.04
CA THR A 53 5.79 4.63 15.65
C THR A 53 4.33 4.36 15.34
N GLY A 54 3.59 3.89 16.33
CA GLY A 54 2.17 3.59 16.14
C GLY A 54 1.94 2.18 15.60
N LYS A 55 2.97 1.35 15.69
CA LYS A 55 2.91 -0.04 15.26
C LYS A 55 1.95 -0.83 16.14
N THR A 56 1.17 -1.70 15.52
CA THR A 56 0.23 -2.58 16.21
C THR A 56 0.70 -4.01 16.06
N CYS A 57 0.05 -4.93 16.75
CA CYS A 57 0.44 -6.33 16.66
C CYS A 57 0.32 -6.86 15.24
N LEU A 58 -0.77 -6.50 14.55
CA LEU A 58 -0.96 -6.85 13.16
C LEU A 58 0.22 -6.39 12.31
N LEU A 59 0.72 -5.19 12.59
CA LEU A 59 1.86 -4.65 11.89
C LEU A 59 3.16 -5.38 12.27
N LYS A 60 3.36 -5.66 13.56
CA LYS A 60 4.48 -6.53 13.99
C LYS A 60 4.42 -7.86 13.23
N ALA A 61 3.22 -8.43 13.13
CA ALA A 61 2.98 -9.65 12.40
C ALA A 61 3.35 -9.48 10.96
N MSE A 62 3.13 -8.28 10.42
CA MSE A 62 3.43 -8.01 9.01
C MSE A 62 4.95 -8.00 8.75
O MSE A 62 5.44 -8.33 7.65
CB MSE A 62 2.74 -6.71 8.52
CG MSE A 62 1.20 -6.80 8.28
SE MSE A 62 0.58 -8.22 7.02
CE MSE A 62 -1.13 -8.53 7.82
N LEU A 63 5.70 -7.61 9.77
CA LEU A 63 7.16 -7.59 9.71
C LEU A 63 7.74 -8.98 10.00
N ASN A 64 7.08 -9.68 10.92
CA ASN A 64 7.50 -11.00 11.29
C ASN A 64 6.83 -12.07 10.45
N LEU A 65 7.10 -12.02 9.16
CA LEU A 65 6.68 -13.05 8.25
C LEU A 65 7.69 -14.20 8.21
N HIS A 66 7.17 -15.42 8.14
CA HIS A 66 7.97 -16.58 7.82
C HIS A 66 7.31 -17.26 6.61
N ASN A 67 8.07 -17.40 5.53
CA ASN A 67 7.51 -17.87 4.24
C ASN A 67 6.25 -17.12 3.73
N GLY A 68 6.30 -15.79 3.82
CA GLY A 68 5.16 -14.94 3.49
C GLY A 68 3.86 -15.32 4.21
N GLN A 69 3.99 -15.87 5.42
CA GLN A 69 2.87 -16.43 6.19
C GLN A 69 2.90 -16.09 7.67
N ASN A 70 1.71 -15.91 8.22
CA ASN A 70 1.49 -15.69 9.64
C ASN A 70 -0.03 -15.75 9.86
N ASP A 71 -0.43 -16.64 10.76
CA ASP A 71 -1.86 -16.83 11.04
C ASP A 71 -2.21 -16.19 12.38
N THR A 72 -1.21 -15.61 13.02
CA THR A 72 -1.45 -14.66 14.09
C THR A 72 -2.27 -13.51 13.50
N ILE A 73 -2.01 -13.21 12.23
CA ILE A 73 -2.80 -12.23 11.48
C ILE A 73 -4.27 -12.62 11.47
N ALA A 74 -4.57 -13.76 10.87
CA ALA A 74 -5.93 -14.30 10.80
C ALA A 74 -6.64 -14.32 12.16
N LEU A 75 -5.93 -14.74 13.20
CA LEU A 75 -6.47 -14.70 14.56
C LEU A 75 -6.61 -13.25 15.05
N LEU A 76 -5.60 -12.43 14.78
CA LEU A 76 -5.62 -11.07 15.28
C LEU A 76 -6.79 -10.28 14.72
N LEU A 77 -6.99 -10.39 13.40
CA LEU A 77 -8.15 -9.79 12.74
C LEU A 77 -9.44 -10.30 13.36
N ASP A 78 -9.58 -11.63 13.42
CA ASP A 78 -10.76 -12.28 13.97
C ASP A 78 -11.15 -11.66 15.33
N VAL A 79 -10.16 -11.46 16.20
CA VAL A 79 -10.36 -10.85 17.51
C VAL A 79 -10.88 -9.42 17.39
N ALA A 80 -10.43 -8.70 16.34
CA ALA A 80 -10.77 -7.28 16.21
C ALA A 80 -12.20 -7.06 15.77
N ARG A 81 -12.78 -8.04 15.08
CA ARG A 81 -14.18 -7.97 14.63
C ARG A 81 -15.12 -8.32 15.77
N LYS A 82 -14.74 -9.32 16.55
CA LYS A 82 -15.47 -9.74 17.75
C LYS A 82 -15.64 -8.57 18.72
N THR A 83 -14.69 -7.64 18.69
CA THR A 83 -14.86 -6.34 19.32
C THR A 83 -15.11 -5.25 18.29
N ASP A 84 -15.08 -5.62 17.02
CA ASP A 84 -15.33 -4.68 15.94
C ASP A 84 -14.37 -3.51 16.00
N SER A 85 -13.20 -3.72 16.60
CA SER A 85 -12.08 -2.84 16.42
C SER A 85 -11.77 -2.91 14.95
N LEU A 86 -12.48 -3.80 14.24
CA LEU A 86 -12.06 -4.30 12.94
C LEU A 86 -11.50 -3.27 11.97
N LYS A 87 -12.29 -2.26 11.62
CA LYS A 87 -11.86 -1.33 10.57
C LYS A 87 -10.62 -0.51 10.94
N GLN A 88 -10.64 0.13 12.12
CA GLN A 88 -9.55 1.00 12.53
C GLN A 88 -8.30 0.21 12.90
N PHE A 89 -8.50 -1.09 13.13
CA PHE A 89 -7.39 -1.99 13.43
C PHE A 89 -6.58 -2.29 12.17
N VAL A 90 -7.27 -2.79 11.15
CA VAL A 90 -6.67 -3.09 9.86
C VAL A 90 -6.15 -1.82 9.15
N ASN A 91 -6.61 -0.65 9.60
CA ASN A 91 -6.24 0.61 8.95
C ASN A 91 -5.34 1.54 9.75
N ALA A 92 -4.77 1.05 10.85
CA ALA A 92 -3.89 1.89 11.65
C ALA A 92 -2.56 2.16 10.92
N SER A 93 -2.05 3.37 11.03
CA SER A 93 -0.86 3.76 10.29
C SER A 93 0.31 4.17 11.18
N TYR A 94 1.52 4.07 10.63
CA TYR A 94 2.74 4.56 11.30
C TYR A 94 2.68 6.07 11.48
N THR A 95 3.29 6.58 12.55
CA THR A 95 3.26 8.01 12.82
C THR A 95 4.63 8.68 12.93
N ASP A 96 5.70 7.88 12.99
CA ASP A 96 7.05 8.41 12.99
C ASP A 96 7.35 9.00 11.61
N SER A 97 8.20 10.02 11.56
CA SER A 97 8.55 10.68 10.31
C SER A 97 9.00 9.71 9.20
N TYR A 98 9.56 8.57 9.61
CA TYR A 98 10.07 7.63 8.63
C TYR A 98 8.97 6.90 7.82
N TYR A 99 8.19 6.07 8.50
CA TYR A 99 7.23 5.19 7.82
C TYR A 99 5.80 5.78 7.79
N LYS A 100 5.69 7.06 8.17
CA LYS A 100 4.41 7.75 8.38
C LYS A 100 3.37 7.32 7.38
N GLY A 101 2.19 6.95 7.89
CA GLY A 101 1.04 6.65 7.04
C GLY A 101 1.05 5.26 6.41
N GLN A 102 2.09 4.49 6.69
CA GLN A 102 2.12 3.10 6.27
C GLN A 102 1.15 2.23 7.06
N THR A 103 0.36 1.46 6.31
CA THR A 103 -0.66 0.52 6.82
C THR A 103 -0.19 -0.90 6.54
N ALA A 104 -0.85 -1.89 7.13
CA ALA A 104 -0.58 -3.28 6.81
C ALA A 104 -0.70 -3.57 5.30
N LEU A 105 -1.70 -3.02 4.64
CA LEU A 105 -1.84 -3.25 3.18
C LEU A 105 -0.60 -2.80 2.38
N HIS A 106 0.03 -1.71 2.81
CA HIS A 106 1.22 -1.26 2.14
C HIS A 106 2.23 -2.37 2.20
N ILE A 107 2.44 -2.91 3.40
CA ILE A 107 3.46 -3.93 3.62
C ILE A 107 3.22 -5.20 2.79
N ALA A 108 1.95 -5.61 2.66
CA ALA A 108 1.58 -6.85 1.97
C ALA A 108 2.00 -6.76 0.54
N ILE A 109 1.85 -5.54 0.00
CA ILE A 109 2.20 -5.26 -1.37
C ILE A 109 3.72 -5.17 -1.49
N GLU A 110 4.34 -4.39 -0.61
CA GLU A 110 5.76 -4.31 -0.59
C GLU A 110 6.37 -5.70 -0.61
N ARG A 111 5.69 -6.66 0.01
CA ARG A 111 6.19 -8.02 0.08
C ARG A 111 5.71 -8.89 -1.07
N ARG A 112 4.94 -8.32 -1.99
CA ARG A 112 4.46 -9.05 -3.18
C ARG A 112 3.61 -10.29 -2.80
N ASN A 113 2.68 -10.08 -1.87
CA ASN A 113 1.97 -11.17 -1.24
C ASN A 113 0.49 -11.05 -1.56
N MSE A 114 0.06 -11.66 -2.66
CA MSE A 114 -1.34 -11.63 -3.06
C MSE A 114 -2.26 -12.01 -1.91
O MSE A 114 -3.15 -11.25 -1.51
CB MSE A 114 -1.60 -12.60 -4.21
CG MSE A 114 -3.03 -12.55 -4.75
SE MSE A 114 -3.55 -10.74 -5.30
CE MSE A 114 -4.99 -10.41 -4.07
N THR A 115 -2.02 -13.21 -1.39
CA THR A 115 -2.77 -13.77 -0.31
C THR A 115 -3.04 -12.78 0.81
N LEU A 116 -2.02 -12.03 1.23
CA LEU A 116 -2.20 -11.06 2.29
C LEU A 116 -2.84 -9.76 1.83
N VAL A 117 -2.60 -9.36 0.58
CA VAL A 117 -3.34 -8.26 0.00
C VAL A 117 -4.81 -8.68 0.04
N THR A 118 -5.12 -9.79 -0.63
CA THR A 118 -6.48 -10.32 -0.64
C THR A 118 -7.09 -10.28 0.76
N LEU A 119 -6.40 -10.86 1.75
CA LEU A 119 -6.99 -10.96 3.06
C LEU A 119 -7.31 -9.60 3.65
N LEU A 120 -6.36 -8.66 3.56
CA LEU A 120 -6.52 -7.33 4.13
C LEU A 120 -7.66 -6.55 3.51
N VAL A 121 -7.74 -6.55 2.18
CA VAL A 121 -8.86 -5.95 1.44
C VAL A 121 -10.25 -6.52 1.85
N GLU A 122 -10.30 -7.81 2.15
CA GLU A 122 -11.54 -8.48 2.52
C GLU A 122 -11.98 -8.15 3.94
N ASN A 123 -11.01 -7.91 4.81
CA ASN A 123 -11.31 -7.44 6.16
C ASN A 123 -11.23 -5.92 6.19
N GLY A 124 -11.32 -5.31 5.01
CA GLY A 124 -11.61 -3.89 4.91
C GLY A 124 -10.47 -2.90 4.98
N ALA A 125 -9.27 -3.31 4.56
CA ALA A 125 -8.15 -2.38 4.41
C ALA A 125 -8.52 -1.24 3.46
N ASP A 126 -8.19 0.00 3.86
CA ASP A 126 -8.43 1.18 3.05
C ASP A 126 -7.44 1.17 1.92
N VAL A 127 -7.98 1.15 0.71
CA VAL A 127 -7.20 0.96 -0.47
C VAL A 127 -6.57 2.28 -0.94
N GLN A 128 -7.07 3.39 -0.39
CA GLN A 128 -6.57 4.72 -0.75
C GLN A 128 -5.61 5.34 0.29
N ALA A 129 -5.17 4.53 1.27
CA ALA A 129 -4.31 5.03 2.35
C ALA A 129 -2.94 5.41 1.81
N ALA A 130 -2.52 6.64 2.09
CA ALA A 130 -1.26 7.16 1.58
C ALA A 130 -0.09 6.98 2.56
N ALA A 131 0.88 6.16 2.15
CA ALA A 131 2.11 6.00 2.91
C ALA A 131 3.02 7.13 2.49
N ASN A 132 3.18 8.14 3.36
CA ASN A 132 3.81 9.42 2.94
C ASN A 132 5.06 9.84 3.72
N GLY A 133 5.55 8.96 4.59
CA GLY A 133 6.72 9.27 5.40
C GLY A 133 7.97 9.31 4.55
N ASP A 134 9.08 9.77 5.15
CA ASP A 134 10.36 9.90 4.41
C ASP A 134 10.85 8.58 3.76
N PHE A 135 10.34 7.44 4.26
CA PHE A 135 10.72 6.16 3.70
C PHE A 135 10.10 5.95 2.33
N PHE A 136 9.10 6.77 2.00
CA PHE A 136 8.32 6.67 0.77
C PHE A 136 8.50 7.84 -0.20
N LYS A 137 9.55 8.63 0.05
CA LYS A 137 9.99 9.71 -0.82
C LYS A 137 11.47 9.51 -1.16
N LYS A 138 12.00 10.37 -2.05
CA LYS A 138 13.41 10.33 -2.47
C LYS A 138 14.44 10.46 -1.34
N THR A 139 15.38 9.52 -1.38
CA THR A 139 16.51 9.36 -0.46
C THR A 139 17.16 10.68 -0.01
N LYS A 140 17.46 10.77 1.28
CA LYS A 140 18.00 11.99 1.86
C LYS A 140 19.45 12.21 1.42
N GLY A 141 20.29 11.23 1.70
CA GLY A 141 20.00 9.84 1.36
C GLY A 141 19.87 8.96 2.59
N ARG A 142 18.83 8.13 2.60
CA ARG A 142 18.22 7.69 3.86
C ARG A 142 17.64 6.30 3.73
N PRO A 143 17.41 5.86 2.49
CA PRO A 143 16.59 6.62 1.55
C PRO A 143 15.10 6.40 1.77
N GLY A 144 14.28 6.69 0.77
CA GLY A 144 14.20 5.85 -0.41
C GLY A 144 13.34 4.63 -0.19
N PHE A 145 12.15 4.63 -0.78
CA PHE A 145 12.01 4.84 -2.22
C PHE A 145 10.56 5.16 -2.59
N TYR A 146 10.40 6.05 -3.58
CA TYR A 146 9.12 6.69 -3.83
C TYR A 146 8.32 6.08 -4.97
N PHE A 147 7.03 5.87 -4.75
CA PHE A 147 6.18 5.17 -5.69
C PHE A 147 4.74 5.68 -5.69
N GLY A 148 4.60 7.00 -5.58
CA GLY A 148 4.26 7.61 -4.31
C GLY A 148 3.14 6.80 -3.71
N GLU A 149 3.22 6.54 -2.40
CA GLU A 149 2.10 6.78 -1.51
C GLU A 149 0.90 5.84 -1.43
N LEU A 150 0.25 5.64 -2.58
CA LEU A 150 -1.01 4.90 -2.62
C LEU A 150 -0.84 3.49 -3.18
N PRO A 151 -1.53 2.51 -2.58
CA PRO A 151 -1.40 1.06 -2.90
C PRO A 151 -1.33 0.76 -4.39
N LEU A 152 -2.29 1.26 -5.17
CA LEU A 152 -2.25 1.11 -6.62
C LEU A 152 -0.90 1.57 -7.19
N SER A 153 -0.47 2.75 -6.77
CA SER A 153 0.76 3.37 -7.28
C SER A 153 1.95 2.47 -6.97
N LEU A 154 2.01 2.03 -5.72
CA LEU A 154 2.97 1.05 -5.29
C LEU A 154 2.92 -0.18 -6.19
N ALA A 155 1.74 -0.77 -6.31
CA ALA A 155 1.60 -2.05 -6.99
C ALA A 155 2.04 -1.93 -8.44
N ALA A 156 1.88 -0.76 -9.04
CA ALA A 156 2.35 -0.56 -10.40
C ALA A 156 3.86 -0.34 -10.45
N CYS A 157 4.34 0.61 -9.65
CA CYS A 157 5.74 1.01 -9.65
C CYS A 157 6.67 -0.17 -9.33
N THR A 158 6.13 -1.22 -8.73
CA THR A 158 6.92 -2.38 -8.41
C THR A 158 6.62 -3.47 -9.40
N ASN A 159 5.95 -3.10 -10.49
CA ASN A 159 5.64 -4.05 -11.55
C ASN A 159 4.90 -5.23 -11.03
N GLN A 160 3.72 -5.00 -10.48
CA GLN A 160 2.94 -6.09 -9.96
C GLN A 160 1.53 -6.06 -10.51
N LEU A 161 1.40 -6.50 -11.75
CA LEU A 161 0.16 -6.34 -12.50
C LEU A 161 -1.05 -6.94 -11.81
N ALA A 162 -0.96 -8.20 -11.39
CA ALA A 162 -2.11 -8.92 -10.84
C ALA A 162 -2.77 -8.17 -9.69
N ILE A 163 -1.92 -7.57 -8.86
CA ILE A 163 -2.37 -6.80 -7.71
C ILE A 163 -2.92 -5.43 -8.14
N VAL A 164 -2.33 -4.85 -9.17
CA VAL A 164 -2.94 -3.68 -9.77
C VAL A 164 -4.37 -4.02 -10.16
N LYS A 165 -4.53 -5.15 -10.86
CA LYS A 165 -5.86 -5.58 -11.26
C LYS A 165 -6.75 -5.79 -10.03
N PHE A 166 -6.34 -6.65 -9.10
CA PHE A 166 -7.14 -6.89 -7.91
C PHE A 166 -7.48 -5.62 -7.16
N LEU A 167 -6.63 -4.60 -7.21
CA LEU A 167 -6.96 -3.39 -6.46
C LEU A 167 -8.15 -2.70 -7.12
N LEU A 168 -8.06 -2.54 -8.44
CA LEU A 168 -9.08 -1.86 -9.24
C LEU A 168 -10.35 -2.67 -9.45
N GLN A 169 -10.23 -3.99 -9.45
CA GLN A 169 -11.38 -4.84 -9.79
C GLN A 169 -12.14 -5.51 -8.61
N ASN A 170 -11.52 -5.64 -7.44
CA ASN A 170 -12.13 -6.31 -6.28
C ASN A 170 -13.54 -5.85 -5.84
N SER A 171 -14.24 -6.76 -5.17
CA SER A 171 -15.60 -6.52 -4.71
C SER A 171 -15.65 -5.60 -3.51
N TRP A 172 -14.56 -5.53 -2.76
CA TRP A 172 -14.60 -4.93 -1.42
C TRP A 172 -14.35 -3.44 -1.44
N GLN A 173 -13.29 -3.01 -2.09
CA GLN A 173 -13.12 -1.59 -2.37
C GLN A 173 -12.26 -1.45 -3.59
N PRO A 174 -12.88 -1.01 -4.71
CA PRO A 174 -12.09 -0.81 -5.92
C PRO A 174 -11.24 0.44 -5.72
N ALA A 175 -10.00 0.39 -6.20
CA ALA A 175 -9.10 1.55 -6.11
C ALA A 175 -9.63 2.70 -6.96
N ASP A 176 -9.48 3.93 -6.49
CA ASP A 176 -9.75 5.11 -7.30
C ASP A 176 -8.56 5.26 -8.25
N ILE A 177 -8.77 4.92 -9.52
CA ILE A 177 -7.66 4.93 -10.50
C ILE A 177 -7.07 6.32 -10.77
N SER A 178 -7.76 7.38 -10.38
CA SER A 178 -7.27 8.72 -10.67
C SER A 178 -6.78 9.48 -9.44
N ALA A 179 -6.63 8.81 -8.30
CA ALA A 179 -6.26 9.54 -7.10
C ALA A 179 -4.87 10.13 -7.29
N ARG A 180 -4.60 11.23 -6.59
CA ARG A 180 -3.34 11.94 -6.64
C ARG A 180 -2.64 11.82 -5.29
N ASP A 181 -1.33 11.54 -5.29
CA ASP A 181 -0.50 11.56 -4.06
C ASP A 181 -0.17 12.99 -3.59
N SER A 182 0.58 13.10 -2.50
CA SER A 182 0.81 14.41 -1.88
C SER A 182 1.37 15.43 -2.87
N VAL A 183 2.09 14.95 -3.87
CA VAL A 183 2.74 15.77 -4.89
C VAL A 183 1.84 16.05 -6.12
N GLY A 184 0.69 15.40 -6.16
CA GLY A 184 -0.26 15.60 -7.25
C GLY A 184 -0.18 14.47 -8.26
N ASN A 185 0.72 13.53 -7.99
CA ASN A 185 0.97 12.48 -8.93
C ASN A 185 -0.04 11.37 -8.91
N THR A 186 -0.45 10.93 -10.07
CA THR A 186 -1.27 9.75 -10.18
C THR A 186 -0.33 8.61 -10.48
N VAL A 187 -0.91 7.42 -10.63
CA VAL A 187 -0.14 6.22 -10.97
C VAL A 187 0.64 6.41 -12.25
N LEU A 188 0.07 7.15 -13.20
CA LEU A 188 0.79 7.44 -14.42
C LEU A 188 1.95 8.39 -14.10
N HIS A 189 1.70 9.44 -13.30
CA HIS A 189 2.83 10.27 -12.88
C HIS A 189 3.92 9.45 -12.17
N ALA A 190 3.53 8.65 -11.17
CA ALA A 190 4.52 7.86 -10.40
C ALA A 190 5.37 6.95 -11.30
N LEU A 191 4.73 6.33 -12.30
CA LEU A 191 5.42 5.45 -13.23
C LEU A 191 6.53 6.19 -13.99
N VAL A 192 6.18 7.40 -14.46
CA VAL A 192 7.13 8.31 -15.10
C VAL A 192 8.27 8.61 -14.13
N GLU A 193 7.95 8.73 -12.85
CA GLU A 193 8.98 9.09 -11.87
C GLU A 193 9.90 7.90 -11.61
N VAL A 194 9.36 6.72 -11.81
CA VAL A 194 10.08 5.50 -11.47
C VAL A 194 10.96 4.99 -12.62
N ALA A 195 10.80 5.58 -13.80
CA ALA A 195 11.66 5.31 -14.96
C ALA A 195 13.07 5.81 -14.74
N ASP A 196 14.05 5.04 -15.22
CA ASP A 196 15.46 5.37 -15.08
C ASP A 196 16.27 5.20 -16.38
N ASN A 197 15.56 5.18 -17.51
CA ASN A 197 16.14 5.13 -18.86
C ASN A 197 16.98 3.90 -19.22
N THR A 198 16.82 2.83 -18.46
CA THR A 198 17.46 1.57 -18.83
C THR A 198 16.45 0.79 -19.65
N VAL A 199 16.95 -0.08 -20.52
CA VAL A 199 16.06 -0.74 -21.49
C VAL A 199 14.96 -1.57 -20.85
N ASP A 200 15.32 -2.39 -19.85
CA ASP A 200 14.33 -3.20 -19.13
C ASP A 200 13.40 -2.34 -18.26
N ASN A 201 13.85 -1.13 -17.90
CA ASN A 201 13.04 -0.20 -17.10
C ASN A 201 11.92 0.38 -17.91
N THR A 202 12.28 1.00 -19.04
CA THR A 202 11.35 1.46 -20.04
C THR A 202 10.33 0.38 -20.31
N LYS A 203 10.82 -0.80 -20.71
CA LYS A 203 9.96 -1.91 -21.08
C LYS A 203 8.88 -2.17 -20.04
N PHE A 204 9.23 -2.34 -18.77
CA PHE A 204 8.21 -2.60 -17.74
C PHE A 204 7.28 -1.42 -17.44
N VAL A 205 7.83 -0.20 -17.38
CA VAL A 205 7.01 0.98 -17.09
C VAL A 205 6.04 1.18 -18.24
N THR A 206 6.59 1.07 -19.42
CA THR A 206 5.87 1.33 -20.65
C THR A 206 4.55 0.51 -20.76
N SER A 207 4.58 -0.74 -20.35
CA SER A 207 3.46 -1.62 -20.57
C SER A 207 2.56 -1.66 -19.35
N MSE A 208 3.15 -1.42 -18.19
CA MSE A 208 2.32 -1.22 -17.02
C MSE A 208 1.49 0.03 -17.22
O MSE A 208 0.34 0.08 -16.85
CB MSE A 208 3.16 -1.10 -15.76
CG MSE A 208 2.34 -0.77 -14.54
SE MSE A 208 1.11 -2.19 -14.12
CE MSE A 208 2.30 -3.70 -14.46
N TYR A 209 2.10 1.04 -17.84
CA TYR A 209 1.39 2.26 -18.23
C TYR A 209 0.21 1.89 -19.14
N ASN A 210 0.54 1.23 -20.25
CA ASN A 210 -0.44 0.62 -21.17
C ASN A 210 -1.56 -0.08 -20.44
N GLU A 211 -1.17 -0.96 -19.53
CA GLU A 211 -2.13 -1.71 -18.74
C GLU A 211 -3.09 -0.87 -17.95
N ILE A 212 -2.58 0.21 -17.36
CA ILE A 212 -3.41 1.11 -16.57
C ILE A 212 -4.44 1.78 -17.43
N LEU A 213 -4.01 2.20 -18.62
CA LEU A 213 -4.90 2.88 -19.54
C LEU A 213 -6.00 1.92 -19.99
N ILE A 214 -5.62 0.70 -20.40
CA ILE A 214 -6.57 -0.33 -20.81
C ILE A 214 -7.62 -0.56 -19.72
N LEU A 215 -7.19 -0.46 -18.47
CA LEU A 215 -8.08 -0.70 -17.33
C LEU A 215 -8.94 0.52 -17.06
N GLY A 216 -8.38 1.70 -17.32
CA GLY A 216 -9.11 2.93 -17.17
C GLY A 216 -10.29 2.92 -18.13
N ALA A 217 -9.99 2.70 -19.41
CA ALA A 217 -10.98 2.64 -20.48
C ALA A 217 -11.99 1.50 -20.36
N LYS A 218 -11.58 0.37 -19.80
CA LYS A 218 -12.50 -0.74 -19.57
C LYS A 218 -13.46 -0.36 -18.46
N LEU A 219 -12.90 -0.05 -17.29
CA LEU A 219 -13.66 0.21 -16.06
C LEU A 219 -14.37 1.58 -16.00
N HIS A 220 -13.68 2.65 -16.41
CA HIS A 220 -14.22 3.98 -16.24
C HIS A 220 -13.89 4.83 -17.44
N PRO A 221 -14.68 4.72 -18.52
CA PRO A 221 -14.36 5.19 -19.87
C PRO A 221 -14.33 6.71 -20.03
N THR A 222 -15.08 7.39 -19.17
CA THR A 222 -15.25 8.84 -19.21
C THR A 222 -13.97 9.59 -18.81
N LEU A 223 -13.08 8.91 -18.08
CA LEU A 223 -11.91 9.53 -17.45
C LEU A 223 -10.78 9.75 -18.43
N LYS A 224 -10.44 11.01 -18.65
CA LYS A 224 -9.29 11.34 -19.50
C LYS A 224 -8.03 11.37 -18.62
N LEU A 225 -7.46 10.18 -18.42
CA LEU A 225 -6.37 9.97 -17.49
C LEU A 225 -5.11 10.75 -17.80
N GLU A 226 -4.77 10.84 -19.07
CA GLU A 226 -3.45 11.39 -19.41
C GLU A 226 -3.43 12.90 -19.35
N GLU A 227 -4.59 13.48 -19.13
CA GLU A 227 -4.71 14.92 -19.02
C GLU A 227 -4.55 15.48 -17.58
N ILE A 228 -4.57 14.58 -16.58
CA ILE A 228 -4.51 14.96 -15.16
C ILE A 228 -3.13 15.48 -14.71
N THR A 229 -3.12 16.72 -14.24
CA THR A 229 -1.92 17.47 -13.84
C THR A 229 -1.48 17.23 -12.38
N ASN A 230 -0.19 16.99 -12.18
CA ASN A 230 0.39 16.90 -10.83
C ASN A 230 0.48 18.28 -10.19
N ARG A 231 0.89 18.39 -8.92
CA ARG A 231 0.79 19.74 -8.28
C ARG A 231 1.63 20.84 -8.94
N LYS A 232 2.55 20.44 -9.82
CA LYS A 232 3.38 21.37 -10.58
C LYS A 232 2.79 21.70 -11.99
N GLY A 233 1.52 21.35 -12.19
CA GLY A 233 0.83 21.61 -13.44
C GLY A 233 1.18 20.68 -14.59
N LEU A 234 1.82 19.55 -14.29
CA LEU A 234 2.34 18.66 -15.32
C LEU A 234 1.47 17.44 -15.55
N THR A 235 1.07 17.24 -16.80
CA THR A 235 0.55 15.95 -17.24
C THR A 235 1.69 14.94 -17.15
N PRO A 236 1.37 13.63 -17.12
CA PRO A 236 2.41 12.58 -17.09
C PRO A 236 3.44 12.81 -18.17
N LEU A 237 2.98 12.97 -19.42
CA LEU A 237 3.87 13.31 -20.53
C LEU A 237 4.80 14.46 -20.17
N ALA A 238 4.23 15.57 -19.71
CA ALA A 238 5.04 16.76 -19.50
C ALA A 238 6.06 16.59 -18.39
N LEU A 239 5.73 15.78 -17.38
CA LEU A 239 6.68 15.36 -16.36
C LEU A 239 7.79 14.56 -17.01
N ALA A 240 7.43 13.51 -17.74
CA ALA A 240 8.42 12.69 -18.44
C ALA A 240 9.49 13.54 -19.09
N ALA A 241 9.04 14.57 -19.80
CA ALA A 241 9.89 15.46 -20.59
C ALA A 241 10.64 16.46 -19.72
N SER A 242 10.01 16.90 -18.64
CA SER A 242 10.70 17.75 -17.66
C SER A 242 11.85 16.99 -17.00
N SER A 243 11.72 15.67 -16.81
CA SER A 243 12.78 14.90 -16.11
C SER A 243 13.63 13.97 -16.99
N GLY A 244 13.66 14.23 -18.31
CA GLY A 244 14.49 13.46 -19.25
C GLY A 244 14.29 11.94 -19.21
N LYS A 245 13.03 11.54 -19.08
CA LYS A 245 12.62 10.14 -19.11
C LYS A 245 12.18 9.79 -20.52
N ILE A 246 13.17 9.64 -21.40
CA ILE A 246 12.99 9.77 -22.83
C ILE A 246 12.26 8.59 -23.45
N GLY A 247 12.66 7.39 -23.03
CA GLY A 247 12.08 6.16 -23.60
C GLY A 247 10.57 6.17 -23.43
N VAL A 248 10.15 6.69 -22.28
CA VAL A 248 8.74 6.71 -21.88
C VAL A 248 8.02 7.83 -22.60
N LEU A 249 8.64 9.01 -22.61
CA LEU A 249 8.19 10.10 -23.45
C LEU A 249 7.87 9.62 -24.86
N ALA A 250 8.86 9.00 -25.50
CA ALA A 250 8.67 8.38 -26.83
C ALA A 250 7.52 7.37 -26.86
N TYR A 251 7.39 6.60 -25.79
CA TYR A 251 6.30 5.62 -25.71
C TYR A 251 4.94 6.30 -25.70
N ILE A 252 4.80 7.30 -24.83
CA ILE A 252 3.51 7.95 -24.59
C ILE A 252 3.05 8.66 -25.83
N LEU A 253 3.97 9.21 -26.61
CA LEU A 253 3.56 9.97 -27.77
C LEU A 253 3.24 9.05 -28.92
N GLN A 254 3.92 7.90 -28.94
CA GLN A 254 3.72 6.92 -30.00
C GLN A 254 2.32 6.30 -29.85
N ARG A 255 1.90 6.04 -28.62
CA ARG A 255 0.53 5.56 -28.34
C ARG A 255 -0.56 6.53 -28.74
N GLU A 256 -0.40 7.81 -28.44
CA GLU A 256 -1.34 8.85 -28.88
C GLU A 256 -1.45 8.87 -30.39
N ILE A 257 -0.38 8.48 -31.08
CA ILE A 257 -0.36 8.44 -32.53
C ILE A 257 -1.21 7.32 -33.16
N HIS A 258 -1.70 6.39 -32.31
CA HIS A 258 -2.80 5.47 -32.71
C HIS A 258 -4.06 5.48 -31.78
PG ATP B . 9.42 -4.94 18.83
O1G ATP B . 8.71 -6.07 19.56
O2G ATP B . 10.34 -4.12 19.72
O3G ATP B . 8.50 -4.12 17.94
PB ATP B . 11.36 -5.11 16.71
O1B ATP B . 11.78 -3.71 17.15
O2B ATP B . 12.38 -6.18 16.39
O3B ATP B . 10.38 -5.76 17.82
PA ATP B . 9.78 -5.97 14.38
O1A ATP B . 8.34 -5.62 14.12
O2A ATP B . 10.14 -7.41 14.60
O3A ATP B . 10.28 -4.91 15.51
O5' ATP B . 10.61 -5.37 13.16
C5' ATP B . 10.65 -3.95 13.05
C4' ATP B . 11.69 -3.61 12.00
O4' ATP B . 11.28 -4.06 10.70
C3' ATP B . 11.98 -2.12 11.88
O3' ATP B . 12.96 -1.66 12.83
C2' ATP B . 12.49 -2.03 10.46
O2' ATP B . 13.89 -2.30 10.39
C1' ATP B . 11.75 -3.14 9.72
N9 ATP B . 10.62 -2.52 8.97
C8 ATP B . 9.63 -1.69 9.41
N7 ATP B . 8.79 -1.31 8.41
C5 ATP B . 9.25 -1.91 7.31
C6 ATP B . 8.85 -1.95 5.88
N6 ATP B . 7.76 -1.26 5.48
N1 ATP B . 9.61 -2.69 5.03
C2 ATP B . 10.71 -3.36 5.46
N3 ATP B . 11.14 -3.39 6.73
C4 ATP B . 10.46 -2.68 7.66
#